data_1OC4
#
_entry.id   1OC4
#
_cell.length_a   103.586
_cell.length_b   71.528
_cell.length_c   94.540
_cell.angle_alpha   90.00
_cell.angle_beta   90.00
_cell.angle_gamma   90.00
#
_symmetry.space_group_name_H-M   'P 21 21 2'
#
loop_
_entity.id
_entity.type
_entity.pdbx_description
1 polymer 'L-LACTATE DEHYDROGENASE'
2 non-polymer NICOTINAMIDE-ADENINE-DINUCLEOTIDE
3 non-polymer 'OXAMIC ACID'
4 non-polymer GLYCEROL
5 water water
#
_entity_poly.entity_id   1
_entity_poly.type   'polypeptide(L)'
_entity_poly.pdbx_seq_one_letter_code
;MAPKAKIVLVGSGMIGGVMATLIVQKNLGDVVMFDIVKNMPHGKALDTSHTNVMAYSNCKVSGSNTYDDLKDADVVIVTA
GFTKAPGKSDKEWNRDDLLPLNNKIMIEIGGHIKNNCPNAFIIVVTNPVDVMVQLLHQHSGVPKNKIVGLGGVLDTSRLK
YYISQKLNVCPRDVNAHIVGAHGNKMVLLKRYITVGGIPLQEFINNKKITDQELDAIFDRTINTALEIVNLHASPYVAPA
AAIIEMAESYIRDLRKVLICSTLLEGQYGHKDIFAGTPLVIGGNGVEQVIELQLNADEKKKFDEAVAETSRMKALIHHHH
HH
;
_entity_poly.pdbx_strand_id   A,B
#
# COMPACT_ATOMS: atom_id res chain seq x y z
N ALA A 2 -16.47 18.00 -8.62
CA ALA A 2 -16.36 18.84 -9.86
C ALA A 2 -15.28 19.92 -9.71
N PRO A 3 -15.58 21.01 -8.98
CA PRO A 3 -14.60 22.08 -8.71
C PRO A 3 -13.35 21.51 -8.09
N LYS A 4 -12.22 22.16 -8.32
CA LYS A 4 -10.99 21.70 -7.75
C LYS A 4 -10.91 22.22 -6.32
N ALA A 5 -10.37 21.40 -5.42
CA ALA A 5 -10.12 21.82 -4.06
C ALA A 5 -9.19 23.01 -4.06
N LYS A 6 -9.40 23.94 -3.13
CA LYS A 6 -8.50 25.08 -2.98
C LYS A 6 -7.58 24.83 -1.79
N ILE A 7 -6.27 24.80 -2.04
CA ILE A 7 -5.30 24.50 -0.99
C ILE A 7 -4.36 25.66 -0.64
N VAL A 8 -4.41 26.08 0.61
CA VAL A 8 -3.57 27.20 1.08
C VAL A 8 -2.39 26.76 1.93
N LEU A 9 -1.18 26.98 1.43
CA LEU A 9 0.02 26.67 2.15
C LEU A 9 0.37 27.89 3.00
N VAL A 10 -0.02 27.90 4.28
CA VAL A 10 0.32 29.01 5.17
C VAL A 10 1.75 28.81 5.65
N GLY A 11 2.68 29.38 4.88
CA GLY A 11 4.10 29.21 5.10
C GLY A 11 4.64 28.64 3.81
N SER A 12 5.61 29.31 3.20
CA SER A 12 6.18 28.87 1.94
C SER A 12 7.69 28.68 1.94
N GLY A 13 8.24 28.15 3.02
CA GLY A 13 9.66 27.85 3.09
C GLY A 13 10.07 26.56 2.38
N MET A 14 10.85 25.73 3.08
CA MET A 14 11.36 24.51 2.46
C MET A 14 10.26 23.47 2.22
N ILE A 15 9.37 23.28 3.19
CA ILE A 15 8.32 22.28 3.08
C ILE A 15 7.27 22.75 2.08
N GLY A 16 6.81 23.97 2.26
CA GLY A 16 5.84 24.56 1.36
C GLY A 16 6.25 24.46 -0.10
N GLY A 17 7.55 24.59 -0.36
CA GLY A 17 8.06 24.47 -1.73
C GLY A 17 7.83 23.08 -2.33
N VAL A 18 8.11 22.03 -1.55
CA VAL A 18 7.95 20.66 -2.04
C VAL A 18 6.47 20.30 -2.10
N MET A 19 5.70 20.76 -1.12
CA MET A 19 4.28 20.51 -1.14
C MET A 19 3.63 21.04 -2.43
N ALA A 20 4.02 22.23 -2.88
CA ALA A 20 3.42 22.81 -4.07
C ALA A 20 3.75 21.99 -5.31
N THR A 21 5.01 21.58 -5.42
CA THR A 21 5.47 20.70 -6.49
C THR A 21 4.64 19.41 -6.56
N LEU A 22 4.52 18.74 -5.41
CA LEU A 22 3.79 17.49 -5.31
C LEU A 22 2.30 17.64 -5.64
N ILE A 23 1.69 18.74 -5.17
CA ILE A 23 0.28 18.96 -5.50
C ILE A 23 0.07 19.09 -7.00
N VAL A 24 0.98 19.73 -7.69
CA VAL A 24 0.76 19.82 -9.12
C VAL A 24 0.95 18.42 -9.74
N GLN A 25 1.99 17.70 -9.31
CA GLN A 25 2.25 16.36 -9.83
C GLN A 25 1.00 15.48 -9.73
N LYS A 26 0.27 15.60 -8.64
CA LYS A 26 -0.91 14.81 -8.41
C LYS A 26 -2.21 15.51 -8.85
N ASN A 27 -2.11 16.72 -9.42
CA ASN A 27 -3.28 17.48 -9.88
C ASN A 27 -4.35 17.56 -8.80
N LEU A 28 -3.89 17.76 -7.56
CA LEU A 28 -4.71 17.63 -6.37
C LEU A 28 -5.58 18.82 -6.05
N GLY A 29 -5.18 20.01 -6.48
CA GLY A 29 -5.98 21.21 -6.24
C GLY A 29 -5.30 22.50 -6.61
N ASP A 30 -6.04 23.60 -6.55
CA ASP A 30 -5.44 24.91 -6.78
C ASP A 30 -4.64 25.27 -5.53
N VAL A 31 -3.52 25.96 -5.73
CA VAL A 31 -2.60 26.31 -4.64
C VAL A 31 -2.34 27.81 -4.39
N VAL A 32 -2.45 28.23 -3.15
CA VAL A 32 -2.00 29.57 -2.75
C VAL A 32 -0.76 29.35 -1.92
N MET A 33 0.37 29.91 -2.35
CA MET A 33 1.60 29.85 -1.56
C MET A 33 1.72 31.16 -0.79
N PHE A 34 1.33 31.13 0.47
CA PHE A 34 1.28 32.31 1.32
C PHE A 34 2.51 32.39 2.24
N ASP A 35 2.95 33.62 2.53
CA ASP A 35 4.08 33.84 3.43
C ASP A 35 4.17 35.29 3.90
N ILE A 36 5.03 35.55 4.89
CA ILE A 36 5.24 36.91 5.41
C ILE A 36 6.30 37.60 4.59
N VAL A 37 7.22 36.82 4.04
CA VAL A 37 8.32 37.38 3.28
C VAL A 37 7.86 37.85 1.91
N LYS A 38 8.10 39.13 1.63
CA LYS A 38 7.65 39.71 0.37
C LYS A 38 8.35 39.11 -0.82
N ASN A 39 7.61 38.95 -1.91
CA ASN A 39 8.21 38.51 -3.16
C ASN A 39 8.49 37.01 -3.36
N MET A 40 9.13 36.39 -2.38
CA MET A 40 9.59 35.00 -2.51
C MET A 40 8.51 34.06 -3.01
N PRO A 41 7.38 34.07 -2.31
CA PRO A 41 6.22 33.25 -2.64
C PRO A 41 5.78 33.35 -4.11
N HIS A 42 5.64 34.56 -4.65
CA HIS A 42 5.22 34.70 -6.05
C HIS A 42 6.20 34.01 -6.97
N GLY A 43 7.48 34.10 -6.64
CA GLY A 43 8.49 33.47 -7.49
C GLY A 43 8.43 31.96 -7.42
N LYS A 44 8.37 31.41 -6.21
CA LYS A 44 8.25 29.97 -6.10
C LYS A 44 6.99 29.54 -6.86
N ALA A 45 5.91 30.30 -6.71
CA ALA A 45 4.65 29.96 -7.37
C ALA A 45 4.73 29.99 -8.90
N LEU A 46 5.39 31.00 -9.44
CA LEU A 46 5.52 31.15 -10.88
C LEU A 46 6.24 29.94 -11.42
N ASP A 47 7.38 29.64 -10.80
CA ASP A 47 8.23 28.47 -11.14
C ASP A 47 7.38 27.19 -11.10
N THR A 48 6.74 26.92 -9.97
CA THR A 48 5.94 25.72 -9.83
C THR A 48 4.79 25.60 -10.84
N SER A 49 4.19 26.74 -11.19
CA SER A 49 3.06 26.76 -12.14
C SER A 49 3.39 26.14 -13.48
N HIS A 50 4.60 26.34 -13.98
CA HIS A 50 4.93 25.78 -15.29
C HIS A 50 4.90 24.24 -15.31
N THR A 51 5.11 23.60 -14.16
CA THR A 51 5.20 22.14 -14.22
C THR A 51 3.88 21.51 -14.63
N ASN A 52 2.84 22.33 -14.68
CA ASN A 52 1.53 21.86 -15.11
C ASN A 52 1.63 21.15 -16.45
N VAL A 53 2.51 21.65 -17.32
CA VAL A 53 2.67 21.11 -18.66
C VAL A 53 3.30 19.74 -18.64
N MET A 54 4.43 19.65 -17.94
CA MET A 54 5.15 18.42 -17.76
C MET A 54 4.32 17.34 -17.04
N ALA A 55 3.43 17.77 -16.15
CA ALA A 55 2.65 16.83 -15.34
C ALA A 55 1.21 16.51 -15.84
N TYR A 56 0.79 17.09 -16.96
CA TYR A 56 -0.57 16.88 -17.49
C TYR A 56 -1.59 17.40 -16.52
N SER A 57 -1.19 18.37 -15.70
CA SER A 57 -2.08 18.87 -14.66
C SER A 57 -2.76 20.17 -15.05
N ASN A 58 -3.66 20.60 -14.19
CA ASN A 58 -4.42 21.82 -14.41
C ASN A 58 -4.68 22.55 -13.07
N CYS A 59 -3.62 22.81 -12.32
CA CYS A 59 -3.72 23.48 -11.03
C CYS A 59 -3.06 24.85 -11.05
N LYS A 60 -3.80 25.88 -10.63
CA LYS A 60 -3.26 27.22 -10.53
C LYS A 60 -2.32 27.26 -9.34
N VAL A 61 -1.19 27.95 -9.52
CA VAL A 61 -0.29 28.17 -8.40
C VAL A 61 0.05 29.65 -8.35
N SER A 62 -0.41 30.34 -7.30
CA SER A 62 -0.11 31.76 -7.11
C SER A 62 0.43 32.06 -5.69
N GLY A 63 1.29 33.07 -5.61
CA GLY A 63 1.83 33.46 -4.32
C GLY A 63 0.92 34.46 -3.64
N SER A 64 1.15 34.67 -2.34
CA SER A 64 0.36 35.64 -1.59
C SER A 64 1.10 36.18 -0.38
N ASN A 65 0.64 37.34 0.08
CA ASN A 65 1.17 38.04 1.24
C ASN A 65 -0.01 38.52 2.07
N THR A 66 -1.22 38.18 1.63
CA THR A 66 -2.44 38.59 2.36
C THR A 66 -3.29 37.46 2.87
N TYR A 67 -3.58 37.51 4.17
CA TYR A 67 -4.43 36.53 4.81
C TYR A 67 -5.80 36.46 4.17
N ASP A 68 -6.12 37.43 3.31
CA ASP A 68 -7.42 37.44 2.66
C ASP A 68 -7.54 36.26 1.69
N ASP A 69 -6.40 35.74 1.23
CA ASP A 69 -6.39 34.62 0.30
C ASP A 69 -6.80 33.29 0.95
N LEU A 70 -7.06 33.31 2.26
CA LEU A 70 -7.51 32.12 2.95
C LEU A 70 -8.98 31.89 2.65
N LYS A 71 -9.64 32.91 2.14
CA LYS A 71 -11.08 32.81 1.88
C LYS A 71 -11.46 31.60 1.05
N ASP A 72 -12.48 30.87 1.52
CA ASP A 72 -12.99 29.70 0.82
C ASP A 72 -12.00 28.55 0.70
N ALA A 73 -10.94 28.54 1.51
CA ALA A 73 -10.00 27.42 1.49
C ALA A 73 -10.65 26.09 1.86
N ASP A 74 -10.30 25.02 1.14
CA ASP A 74 -10.83 23.68 1.48
C ASP A 74 -9.84 22.97 2.39
N VAL A 75 -8.55 23.22 2.14
CA VAL A 75 -7.47 22.67 2.95
C VAL A 75 -6.46 23.78 3.30
N VAL A 76 -6.11 23.91 4.57
CA VAL A 76 -5.06 24.85 4.98
C VAL A 76 -3.91 24.10 5.65
N ILE A 77 -2.70 24.29 5.15
CA ILE A 77 -1.52 23.64 5.73
C ILE A 77 -0.54 24.66 6.36
N VAL A 78 -0.30 24.51 7.66
CA VAL A 78 0.48 25.48 8.44
C VAL A 78 1.90 25.01 8.73
N THR A 79 2.85 25.56 7.99
CA THR A 79 4.27 25.32 8.27
C THR A 79 4.95 26.61 8.73
N ALA A 80 4.14 27.63 9.02
CA ALA A 80 4.68 28.93 9.45
C ALA A 80 5.51 28.89 10.72
N GLY A 81 6.76 29.36 10.65
CA GLY A 81 7.61 29.43 11.83
C GLY A 81 9.11 29.26 11.61
N PHE A 82 9.82 28.85 12.67
CA PHE A 82 11.27 28.66 12.59
C PHE A 82 11.66 27.19 12.75
N THR A 83 12.71 26.78 12.04
CA THR A 83 13.21 25.41 12.11
C THR A 83 14.06 25.15 13.35
N LYS A 84 15.05 26.39 13.33
CA LYS A 84 16.35 26.61 14.44
C LYS A 84 16.00 27.54 15.54
N ALA A 85 16.67 27.53 16.69
CA ALA A 85 16.73 28.71 17.55
C ALA A 85 18.07 29.43 17.50
N PRO A 86 18.01 30.75 17.39
CA PRO A 86 19.22 31.59 17.33
C PRO A 86 20.18 31.30 18.48
N GLY A 87 21.49 31.36 18.20
CA GLY A 87 22.50 31.12 19.21
C GLY A 87 22.77 29.67 19.49
N LYS A 88 21.94 28.78 18.95
CA LYS A 88 22.12 27.35 19.15
C LYS A 88 22.89 26.71 18.00
N SER A 89 23.67 25.68 18.33
CA SER A 89 24.43 24.99 17.29
C SER A 89 23.69 23.75 16.80
N ASP A 90 24.07 23.27 15.61
CA ASP A 90 23.43 22.10 15.01
C ASP A 90 23.40 20.93 15.98
N LYS A 91 23.37 20.86 17.15
CA LYS A 91 24.44 19.52 17.91
C LYS A 91 22.88 19.65 19.01
N GLU A 92 22.61 20.87 19.28
CA GLU A 92 21.85 21.18 20.39
C GLU A 92 20.49 21.38 19.80
N TRP A 93 20.54 20.86 18.58
CA TRP A 93 19.23 21.08 17.99
C TRP A 93 18.16 20.25 18.69
N ASN A 94 17.09 20.92 19.13
CA ASN A 94 15.97 20.23 19.75
C ASN A 94 14.66 20.98 19.50
N ARG A 95 13.63 20.25 19.10
CA ARG A 95 12.44 20.77 18.74
C ARG A 95 11.67 21.61 19.85
N ASP A 96 12.06 21.25 21.08
CA ASP A 96 11.63 21.94 22.28
C ASP A 96 11.93 23.43 22.27
N ASP A 97 13.19 23.77 22.02
CA ASP A 97 13.65 25.15 22.01
C ASP A 97 12.92 26.00 20.99
N LEU A 98 11.75 25.55 20.56
CA LEU A 98 10.98 26.28 19.56
C LEU A 98 9.64 26.86 20.04
N LEU A 99 9.35 26.78 21.34
CA LEU A 99 8.11 27.37 21.86
C LEU A 99 8.13 29.12 21.44
N PRO A 100 9.93 29.45 22.05
CA PRO A 100 10.45 30.76 21.71
C PRO A 100 9.78 31.44 20.54
N LEU A 101 10.38 31.25 19.37
CA LEU A 101 9.95 31.78 18.07
C LEU A 101 8.92 30.91 17.36
N ASN A 102 7.67 30.80 17.79
CA ASN A 102 6.67 30.03 17.05
C ASN A 102 5.30 29.99 17.71
N ASN A 103 5.26 30.26 18.99
CA ASN A 103 4.00 30.23 19.72
C ASN A 103 2.99 31.29 19.23
N LYS A 104 3.40 32.56 19.21
CA LYS A 104 2.52 33.68 18.82
C LYS A 104 1.89 33.48 17.44
N ILE A 105 2.70 32.98 16.52
CA ILE A 105 2.32 32.76 15.13
C ILE A 105 1.00 31.98 15.01
N MET A 106 0.80 31.02 15.90
CA MET A 106 -0.43 30.24 15.85
C MET A 106 -1.68 31.07 16.19
N ILE A 107 -1.56 31.94 17.19
CA ILE A 107 -2.66 32.81 17.60
C ILE A 107 -3.14 33.64 16.41
N GLU A 108 -2.17 34.28 15.78
CA GLU A 108 -2.46 35.12 14.64
C GLU A 108 -3.25 34.33 13.61
N ILE A 109 -2.60 33.32 13.06
CA ILE A 109 -3.16 32.46 12.02
C ILE A 109 -4.54 31.88 12.37
N GLY A 110 -4.75 31.52 13.63
CA GLY A 110 -6.04 31.02 14.05
C GLY A 110 -7.16 32.05 13.86
N GLY A 111 -6.86 33.30 14.15
CA GLY A 111 -7.86 34.35 14.01
C GLY A 111 -8.36 34.43 12.58
N HIS A 112 -7.44 34.53 11.65
CA HIS A 112 -7.77 34.61 10.25
C HIS A 112 -8.55 33.38 9.76
N ILE A 113 -8.14 32.20 10.20
CA ILE A 113 -8.83 30.99 9.79
C ILE A 113 -10.30 31.03 10.21
N LYS A 114 -10.53 31.49 11.43
CA LYS A 114 -11.89 31.58 11.97
C LYS A 114 -12.72 32.52 11.11
N ASN A 115 -12.08 33.57 10.62
CA ASN A 115 -12.82 34.55 9.84
C ASN A 115 -12.90 34.24 8.34
N ASN A 116 -11.87 33.62 7.79
CA ASN A 116 -11.85 33.41 6.34
C ASN A 116 -12.33 32.04 5.85
N CYS A 117 -11.98 30.98 6.57
CA CYS A 117 -12.33 29.63 6.16
C CYS A 117 -12.56 28.69 7.35
N PRO A 118 -13.70 28.84 8.01
CA PRO A 118 -14.02 28.03 9.20
C PRO A 118 -14.38 26.58 8.86
N ASN A 119 -14.67 26.29 7.60
CA ASN A 119 -15.06 24.94 7.19
C ASN A 119 -13.90 24.09 6.62
N ALA A 120 -12.71 24.67 6.62
CA ALA A 120 -11.54 24.01 6.06
C ALA A 120 -11.02 22.88 6.93
N PHE A 121 -10.26 21.99 6.30
CA PHE A 121 -9.57 20.94 7.02
C PHE A 121 -8.17 21.49 7.25
N ILE A 122 -7.66 21.34 8.48
CA ILE A 122 -6.37 21.93 8.86
C ILE A 122 -5.27 20.94 9.24
N ILE A 123 -4.10 21.12 8.66
CA ILE A 123 -2.96 20.29 9.02
C ILE A 123 -1.85 21.19 9.55
N VAL A 124 -1.36 20.89 10.75
CA VAL A 124 -0.36 21.73 11.39
C VAL A 124 0.94 21.01 11.42
N VAL A 125 2.01 21.74 11.14
CA VAL A 125 3.33 21.13 11.04
C VAL A 125 4.31 21.80 12.00
N THR A 126 4.24 23.12 12.04
CA THR A 126 5.05 23.93 12.91
C THR A 126 5.43 23.23 14.22
N ASN A 127 6.73 23.14 14.51
CA ASN A 127 7.18 22.54 15.78
C ASN A 127 6.95 23.47 17.00
N PRO A 128 6.70 22.95 18.21
CA PRO A 128 6.57 21.53 18.49
C PRO A 128 5.10 21.20 18.21
N VAL A 129 4.85 20.55 17.08
CA VAL A 129 3.52 20.18 16.59
C VAL A 129 2.42 19.82 17.59
N ASP A 130 2.66 18.82 18.44
CA ASP A 130 1.64 18.37 19.39
C ASP A 130 1.14 19.52 20.31
N VAL A 131 1.97 20.54 20.51
CA VAL A 131 1.51 21.68 21.30
C VAL A 131 0.87 22.70 20.38
N MET A 132 1.53 22.99 19.28
CA MET A 132 1.03 23.98 18.34
C MET A 132 -0.32 23.60 17.74
N VAL A 133 -0.50 22.32 17.42
CA VAL A 133 -1.77 21.88 16.85
C VAL A 133 -2.92 22.30 17.72
N GLN A 134 -2.81 22.05 19.02
CA GLN A 134 -3.91 22.41 19.93
C GLN A 134 -4.08 23.92 20.07
N LEU A 135 -2.98 24.64 20.02
CA LEU A 135 -3.04 26.09 20.11
C LEU A 135 -3.86 26.60 18.93
N LEU A 136 -3.47 26.17 17.73
CA LEU A 136 -4.19 26.56 16.53
C LEU A 136 -5.62 26.12 16.62
N HIS A 137 -5.84 24.92 17.17
CA HIS A 137 -7.22 24.46 17.30
C HIS A 137 -8.01 25.41 18.19
N GLN A 138 -7.38 25.89 19.26
CA GLN A 138 -8.09 26.74 20.23
C GLN A 138 -8.45 28.10 19.64
N HIS A 139 -7.58 28.64 18.82
CA HIS A 139 -7.81 29.97 18.29
C HIS A 139 -8.62 30.00 17.01
N SER A 140 -8.64 28.89 16.28
CA SER A 140 -9.33 28.83 15.00
C SER A 140 -10.79 28.47 15.17
N GLY A 141 -11.12 27.78 16.26
CA GLY A 141 -12.49 27.40 16.54
C GLY A 141 -13.06 26.27 15.69
N VAL A 142 -12.23 25.69 14.84
CA VAL A 142 -12.66 24.63 13.96
C VAL A 142 -12.93 23.36 14.78
N PRO A 143 -13.89 22.55 14.35
CA PRO A 143 -14.21 21.28 15.01
C PRO A 143 -13.02 20.30 15.17
N LYS A 144 -13.07 19.53 16.24
CA LYS A 144 -12.02 18.55 16.54
C LYS A 144 -11.75 17.52 15.41
N ASN A 145 -12.76 17.22 14.59
CA ASN A 145 -12.55 16.27 13.50
C ASN A 145 -12.00 16.94 12.25
N LYS A 146 -11.75 18.24 12.32
CA LYS A 146 -11.23 18.97 11.17
C LYS A 146 -9.81 19.49 11.31
N ILE A 147 -9.11 19.07 12.35
CA ILE A 147 -7.73 19.52 12.54
C ILE A 147 -6.80 18.44 13.10
N VAL A 148 -5.65 18.25 12.47
CA VAL A 148 -4.69 17.26 12.91
C VAL A 148 -3.28 17.81 12.72
N GLY A 149 -2.30 17.20 13.38
CA GLY A 149 -0.91 17.59 13.24
C GLY A 149 -0.05 16.49 12.62
N LEU A 150 1.01 16.88 11.92
CA LEU A 150 1.91 15.94 11.27
C LEU A 150 2.78 15.19 12.27
N GLY A 151 2.85 13.87 12.16
CA GLY A 151 3.72 13.12 13.05
C GLY A 151 4.00 11.69 12.64
N GLY A 152 3.10 10.79 13.02
CA GLY A 152 3.27 9.38 12.74
C GLY A 152 3.68 9.04 11.33
N VAL A 153 2.95 9.57 10.36
CA VAL A 153 3.25 9.25 8.99
C VAL A 153 4.73 9.47 8.67
N LEU A 154 5.26 10.63 9.08
CA LEU A 154 6.66 10.92 8.83
C LEU A 154 7.58 10.04 9.65
N ASP A 155 7.35 9.94 10.97
CA ASP A 155 8.26 9.10 11.78
C ASP A 155 8.22 7.64 11.33
N THR A 156 7.04 7.08 11.07
CA THR A 156 7.01 5.68 10.62
C THR A 156 7.65 5.46 9.25
N SER A 157 7.61 6.48 8.39
CA SER A 157 8.22 6.31 7.07
C SER A 157 9.70 5.98 7.21
N ARG A 158 10.31 6.48 8.28
CA ARG A 158 11.74 6.22 8.50
C ARG A 158 11.99 4.79 8.95
N LEU A 159 11.25 4.38 9.95
CA LEU A 159 11.30 3.05 10.53
C LEU A 159 10.93 2.05 9.46
N LYS A 160 9.87 2.33 8.71
CA LYS A 160 9.45 1.43 7.65
C LYS A 160 10.57 1.27 6.66
N TYR A 161 11.17 2.39 6.25
CA TYR A 161 12.16 2.35 5.20
C TYR A 161 13.44 1.62 5.62
N TYR A 162 13.91 1.91 6.82
CA TYR A 162 15.11 1.25 7.35
C TYR A 162 14.91 -0.27 7.46
N ILE A 163 13.76 -0.69 7.96
CA ILE A 163 13.51 -2.14 8.05
C ILE A 163 13.52 -2.75 6.65
N SER A 164 12.88 -2.06 5.72
CA SER A 164 12.78 -2.56 4.34
C SER A 164 14.14 -2.72 3.69
N GLN A 165 15.07 -1.83 4.01
CA GLN A 165 16.41 -1.97 3.44
C GLN A 165 17.09 -3.22 3.99
N LYS A 166 16.88 -3.49 5.28
CA LYS A 166 17.57 -4.62 5.88
C LYS A 166 16.97 -5.93 5.41
N LEU A 167 15.65 -5.94 5.20
CA LEU A 167 14.95 -7.14 4.79
C LEU A 167 14.84 -7.32 3.26
N ASN A 168 15.20 -6.27 2.51
CA ASN A 168 15.14 -6.30 1.04
C ASN A 168 13.71 -6.50 0.47
N VAL A 169 12.75 -5.73 0.99
CA VAL A 169 11.38 -5.78 0.48
C VAL A 169 10.85 -4.36 0.16
N CYS A 170 9.71 -4.32 -0.53
CA CYS A 170 9.07 -3.06 -0.87
C CYS A 170 8.81 -2.29 0.42
N PRO A 171 9.33 -1.07 0.53
CA PRO A 171 9.10 -0.24 1.74
C PRO A 171 7.62 -0.19 2.17
N ARG A 172 6.70 -0.09 1.24
CA ARG A 172 5.28 -0.02 1.62
C ARG A 172 4.85 -1.30 2.31
N ASP A 173 5.60 -2.38 2.09
CA ASP A 173 5.24 -3.66 2.69
C ASP A 173 5.53 -3.77 4.20
N VAL A 174 6.26 -2.79 4.75
CA VAL A 174 6.53 -2.76 6.17
C VAL A 174 5.49 -1.89 6.86
N ASN A 175 4.85 -2.40 7.90
CA ASN A 175 3.93 -1.56 8.67
C ASN A 175 4.46 -1.38 10.08
N ALA A 176 4.29 -0.16 10.61
CA ALA A 176 4.76 0.18 11.96
C ALA A 176 4.01 1.34 12.57
N HIS A 177 4.06 1.43 13.89
CA HIS A 177 3.36 2.47 14.63
C HIS A 177 4.26 3.22 15.61
N ILE A 178 4.30 4.55 15.49
CA ILE A 178 5.02 5.39 16.40
C ILE A 178 4.01 6.39 16.91
N VAL A 179 3.64 6.30 18.19
CA VAL A 179 2.58 7.13 18.73
C VAL A 179 2.99 8.02 19.93
N GLY A 180 2.03 8.71 20.51
CA GLY A 180 2.34 9.57 21.65
C GLY A 180 2.66 11.01 21.26
N ALA A 181 3.88 11.24 20.81
CA ALA A 181 4.24 12.60 20.39
C ALA A 181 5.38 12.60 19.39
N HIS A 182 5.41 13.59 18.52
CA HIS A 182 6.49 13.73 17.56
C HIS A 182 7.62 14.40 18.30
N GLY A 183 8.77 13.76 18.38
CA GLY A 183 9.87 14.35 19.13
C GLY A 183 10.65 13.26 19.83
N ASN A 184 11.63 13.64 20.65
CA ASN A 184 12.51 12.67 21.27
C ASN A 184 11.84 11.62 22.18
N LYS A 185 10.65 11.89 22.67
CA LYS A 185 9.97 10.85 23.44
C LYS A 185 9.00 9.99 22.60
N MET A 186 9.17 10.02 21.27
CA MET A 186 8.41 9.16 20.33
C MET A 186 8.26 7.75 20.87
N VAL A 187 7.06 7.18 20.87
CA VAL A 187 6.90 5.80 21.29
C VAL A 187 6.92 4.77 20.13
N LEU A 188 8.04 4.08 19.96
CA LEU A 188 8.17 3.07 18.92
C LEU A 188 7.67 1.74 19.46
N LEU A 189 6.64 1.21 18.84
CA LEU A 189 6.00 -0.02 19.29
C LEU A 189 6.45 -1.26 18.51
N LYS A 190 7.47 -1.93 19.05
CA LYS A 190 8.04 -3.13 18.46
C LYS A 190 7.00 -4.21 18.16
N ARG A 191 6.05 -4.35 19.07
CA ARG A 191 5.02 -5.37 18.98
C ARG A 191 4.09 -5.15 17.78
N TYR A 192 3.97 -3.91 17.35
CA TYR A 192 3.11 -3.60 16.20
C TYR A 192 3.86 -3.48 14.87
N ILE A 193 4.96 -4.19 14.72
CA ILE A 193 5.67 -4.12 13.44
C ILE A 193 5.40 -5.35 12.58
N THR A 194 5.06 -5.16 11.31
CA THR A 194 4.82 -6.30 10.43
C THR A 194 5.50 -6.06 9.13
N VAL A 195 5.79 -7.17 8.44
CA VAL A 195 6.44 -7.13 7.15
C VAL A 195 5.65 -8.04 6.24
N GLY A 196 5.00 -7.45 5.25
CA GLY A 196 4.14 -8.24 4.39
C GLY A 196 3.02 -8.78 5.25
N GLY A 197 2.62 -8.03 6.26
CA GLY A 197 1.56 -8.45 7.14
C GLY A 197 1.98 -9.48 8.19
N ILE A 198 3.25 -9.89 8.17
CA ILE A 198 3.76 -10.90 9.10
C ILE A 198 4.49 -10.25 10.27
N PRO A 199 4.26 -10.76 11.49
CA PRO A 199 4.90 -10.19 12.67
C PRO A 199 6.41 -10.16 12.48
N LEU A 200 7.05 -9.05 12.84
CA LEU A 200 8.48 -8.92 12.75
C LEU A 200 9.22 -10.04 13.49
N GLN A 201 8.69 -10.47 14.62
CA GLN A 201 9.33 -11.53 15.39
C GLN A 201 9.67 -12.73 14.51
N GLU A 202 8.79 -13.05 13.58
CA GLU A 202 9.07 -14.21 12.73
C GLU A 202 10.38 -14.04 11.98
N PHE A 203 10.67 -12.83 11.52
CA PHE A 203 11.92 -12.57 10.79
C PHE A 203 13.13 -12.60 11.73
N ILE A 204 12.89 -12.29 12.98
CA ILE A 204 13.97 -12.36 13.94
C ILE A 204 14.25 -13.83 14.25
N ASN A 205 13.21 -14.63 14.44
CA ASN A 205 13.43 -16.04 14.69
C ASN A 205 14.21 -16.66 13.57
N ASN A 206 14.00 -16.14 12.37
CA ASN A 206 14.64 -16.72 11.20
C ASN A 206 16.01 -16.17 10.99
N LYS A 207 16.40 -15.21 11.82
CA LYS A 207 17.71 -14.60 11.73
C LYS A 207 17.86 -13.85 10.40
N LYS A 208 16.84 -13.10 10.02
CA LYS A 208 16.92 -12.24 8.85
C LYS A 208 17.29 -10.87 9.35
N ILE A 209 16.95 -10.63 10.61
CA ILE A 209 17.27 -9.39 11.31
C ILE A 209 17.38 -9.72 12.80
N THR A 210 18.29 -9.06 13.51
CA THR A 210 18.45 -9.36 14.94
C THR A 210 17.87 -8.26 15.78
N ASP A 211 17.66 -8.58 17.05
CA ASP A 211 17.14 -7.63 18.00
C ASP A 211 18.04 -6.41 18.05
N GLN A 212 19.36 -6.62 17.92
CA GLN A 212 20.26 -5.48 18.02
C GLN A 212 20.17 -4.54 16.83
N GLU A 213 20.17 -5.11 15.62
CA GLU A 213 20.07 -4.28 14.43
C GLU A 213 18.75 -3.51 14.43
N LEU A 214 17.73 -4.08 15.08
CA LEU A 214 16.45 -3.42 15.24
C LEU A 214 16.61 -2.22 16.17
N ASP A 215 17.26 -2.45 17.31
CA ASP A 215 17.54 -1.39 18.27
C ASP A 215 18.34 -0.27 17.58
N ALA A 216 19.28 -0.66 16.75
CA ALA A 216 20.05 0.32 16.01
C ALA A 216 19.11 1.17 15.18
N ILE A 217 18.22 0.48 14.45
CA ILE A 217 17.27 1.11 13.55
C ILE A 217 16.39 2.06 14.33
N PHE A 218 16.01 1.64 15.53
CA PHE A 218 15.21 2.46 16.43
C PHE A 218 15.93 3.79 16.72
N ASP A 219 17.18 3.70 17.15
CA ASP A 219 17.96 4.90 17.43
C ASP A 219 17.99 5.79 16.22
N ARG A 220 18.29 5.20 15.09
CA ARG A 220 18.42 6.00 13.88
C ARG A 220 17.12 6.70 13.54
N THR A 221 16.00 6.07 13.88
CA THR A 221 14.69 6.62 13.63
C THR A 221 14.41 7.83 14.49
N ILE A 222 14.66 7.71 15.79
CA ILE A 222 14.41 8.84 16.70
C ILE A 222 15.33 10.04 16.43
N ASN A 223 16.56 9.75 16.01
CA ASN A 223 17.52 10.82 15.80
C ASN A 223 17.70 11.23 14.34
N THR A 224 16.82 10.78 13.45
CA THR A 224 16.99 11.10 12.03
C THR A 224 16.95 12.59 11.71
N ALA A 225 15.98 13.32 12.26
CA ALA A 225 15.94 14.76 11.98
C ALA A 225 17.28 15.40 12.37
N LEU A 226 17.78 15.06 13.56
CA LEU A 226 19.06 15.57 14.05
C LEU A 226 20.21 15.19 13.10
N GLU A 227 20.24 13.92 12.69
CA GLU A 227 21.27 13.48 11.73
C GLU A 227 21.20 14.29 10.43
N ILE A 228 19.99 14.63 10.01
CA ILE A 228 19.85 15.40 8.80
C ILE A 228 20.16 16.88 9.02
N VAL A 229 19.77 17.39 10.18
CA VAL A 229 20.06 18.77 10.54
C VAL A 229 21.56 18.97 10.54
N ASN A 230 22.29 17.98 11.02
CA ASN A 230 23.74 18.09 11.10
C ASN A 230 24.41 17.93 9.75
N LEU A 231 23.70 17.34 8.80
CA LEU A 231 24.30 17.07 7.51
C LEU A 231 23.97 18.15 6.48
N HIS A 232 22.81 18.78 6.66
CA HIS A 232 22.31 19.78 5.70
C HIS A 232 21.35 20.79 6.33
N ALA A 233 20.14 20.33 6.67
CA ALA A 233 19.14 21.22 7.26
C ALA A 233 17.92 20.48 7.78
N SER A 234 17.03 21.19 8.47
CA SER A 234 15.81 20.58 8.98
C SER A 234 15.14 19.90 7.79
N PRO A 235 14.85 18.62 7.95
CA PRO A 235 14.23 17.79 6.90
C PRO A 235 13.03 18.48 6.25
N TYR A 236 12.88 18.39 4.93
CA TYR A 236 11.71 18.99 4.26
C TYR A 236 11.02 18.16 3.14
N VAL A 237 11.78 17.29 2.46
CA VAL A 237 11.20 16.47 1.38
C VAL A 237 10.17 15.45 1.92
N ALA A 238 10.60 14.57 2.83
CA ALA A 238 9.72 13.56 3.42
C ALA A 238 8.60 14.18 4.24
N PRO A 239 8.91 15.21 5.01
CA PRO A 239 7.83 15.92 5.70
C PRO A 239 6.74 16.28 4.70
N ALA A 240 7.15 16.80 3.55
CA ALA A 240 6.22 17.22 2.50
C ALA A 240 5.34 16.10 1.97
N ALA A 241 5.96 14.98 1.62
CA ALA A 241 5.24 13.83 1.09
C ALA A 241 4.25 13.29 2.10
N ALA A 242 4.67 13.31 3.37
CA ALA A 242 3.81 12.83 4.44
C ALA A 242 2.56 13.67 4.56
N ILE A 243 2.75 14.99 4.68
CA ILE A 243 1.61 15.89 4.78
C ILE A 243 0.66 15.70 3.60
N ILE A 244 1.22 15.62 2.40
CA ILE A 244 0.41 15.49 1.21
C ILE A 244 -0.33 14.14 1.12
N GLU A 245 0.25 13.06 1.64
CA GLU A 245 -0.44 11.79 1.68
C GLU A 245 -1.67 12.03 2.55
N MET A 246 -1.52 12.83 3.60
CA MET A 246 -2.64 13.12 4.51
C MET A 246 -3.69 14.00 3.83
N ALA A 247 -3.24 15.06 3.17
CA ALA A 247 -4.15 15.96 2.46
C ALA A 247 -4.94 15.21 1.39
N GLU A 248 -4.22 14.37 0.64
CA GLU A 248 -4.80 13.59 -0.44
C GLU A 248 -5.90 12.65 0.04
N SER A 249 -5.72 12.08 1.23
CA SER A 249 -6.71 11.16 1.78
C SER A 249 -8.02 11.89 2.08
N TYR A 250 -7.90 13.14 2.51
CA TYR A 250 -9.06 13.98 2.76
C TYR A 250 -9.75 14.40 1.46
N ILE A 251 -8.97 14.95 0.54
CA ILE A 251 -9.53 15.45 -0.72
C ILE A 251 -10.18 14.36 -1.59
N ARG A 252 -9.53 13.19 -1.67
CA ARG A 252 -10.03 12.09 -2.50
C ARG A 252 -10.88 11.09 -1.70
N ASP A 253 -11.06 11.36 -0.42
CA ASP A 253 -11.87 10.51 0.44
C ASP A 253 -11.34 9.07 0.41
N LEU A 254 -10.06 8.91 0.70
CA LEU A 254 -9.43 7.62 0.63
C LEU A 254 -9.66 6.76 1.86
N ARG A 255 -9.91 7.41 2.99
CA ARG A 255 -10.15 6.69 4.25
C ARG A 255 -8.95 5.83 4.69
N LYS A 256 -7.76 6.30 4.36
CA LYS A 256 -6.51 5.70 4.82
C LYS A 256 -6.35 5.79 6.34
N VAL A 257 -5.68 4.78 6.89
CA VAL A 257 -5.37 4.73 8.29
C VAL A 257 -4.00 5.38 8.45
N LEU A 258 -3.95 6.53 9.11
CA LEU A 258 -2.70 7.27 9.30
C LEU A 258 -2.53 7.79 10.73
N ILE A 259 -1.30 7.75 11.22
CA ILE A 259 -1.01 8.20 12.59
C ILE A 259 -0.74 9.71 12.61
N CYS A 260 -1.69 10.46 13.16
CA CYS A 260 -1.62 11.91 13.22
C CYS A 260 -1.91 12.42 14.63
N SER A 261 -1.44 13.63 14.94
CA SER A 261 -1.74 14.25 16.22
C SER A 261 -3.20 14.67 16.21
N THR A 262 -3.99 14.15 17.16
CA THR A 262 -5.40 14.47 17.22
C THR A 262 -5.82 14.66 18.67
N LEU A 263 -7.00 15.24 18.88
CA LEU A 263 -7.50 15.54 20.20
C LEU A 263 -8.00 14.28 20.88
N LEU A 264 -7.46 14.00 22.08
CA LEU A 264 -7.88 12.87 22.89
C LEU A 264 -9.02 13.24 23.83
N GLU A 265 -10.07 12.44 23.83
CA GLU A 265 -11.17 12.64 24.76
C GLU A 265 -11.36 11.38 25.61
N GLY A 266 -10.28 10.86 26.21
CA GLY A 266 -10.39 9.71 27.07
C GLY A 266 -9.49 8.57 26.66
N GLN A 267 -9.20 8.48 25.38
CA GLN A 267 -8.34 7.45 24.85
C GLN A 267 -6.99 7.42 25.59
N TYR A 268 -6.50 6.20 25.85
CA TYR A 268 -5.25 6.01 26.56
C TYR A 268 -5.26 6.65 27.95
N GLY A 269 -6.45 7.01 28.44
CA GLY A 269 -6.59 7.63 29.74
C GLY A 269 -6.18 9.09 29.79
N HIS A 270 -6.26 9.79 28.66
CA HIS A 270 -5.90 11.20 28.58
C HIS A 270 -7.02 12.08 28.02
N LYS A 271 -6.98 13.37 28.33
CA LYS A 271 -8.03 14.30 27.91
C LYS A 271 -7.51 15.73 27.83
N ASP A 272 -8.13 16.53 26.96
CA ASP A 272 -7.76 17.94 26.83
C ASP A 272 -6.31 18.11 26.37
N ILE A 273 -5.89 17.25 25.46
CA ILE A 273 -4.56 17.31 24.89
C ILE A 273 -4.49 16.56 23.56
N PHE A 274 -3.53 16.93 22.72
CA PHE A 274 -3.33 16.28 21.43
C PHE A 274 -2.18 15.30 21.54
N ALA A 275 -2.38 14.12 20.94
CA ALA A 275 -1.36 13.07 20.90
C ALA A 275 -1.45 12.26 19.60
N GLY A 276 -0.31 11.74 19.14
CA GLY A 276 -0.27 10.94 17.93
C GLY A 276 -0.85 9.54 18.14
N THR A 277 -1.73 9.12 17.23
CA THR A 277 -2.36 7.80 17.27
C THR A 277 -2.98 7.52 15.90
N PRO A 278 -3.11 6.25 15.55
CA PRO A 278 -3.75 5.86 14.30
C PRO A 278 -5.12 6.51 14.21
N LEU A 279 -5.40 7.09 13.03
CA LEU A 279 -6.68 7.72 12.70
C LEU A 279 -7.08 7.33 11.30
N VAL A 280 -8.33 7.59 10.95
CA VAL A 280 -8.80 7.44 9.58
C VAL A 280 -9.13 8.79 8.98
N ILE A 281 -8.46 9.17 7.88
CA ILE A 281 -8.76 10.43 7.22
C ILE A 281 -9.58 10.27 5.92
N GLY A 282 -10.81 10.75 5.96
CA GLY A 282 -11.72 10.70 4.82
C GLY A 282 -12.26 12.06 4.46
N GLY A 283 -13.31 12.10 3.65
CA GLY A 283 -13.89 13.35 3.18
C GLY A 283 -14.63 14.14 4.24
N ASN A 284 -14.92 13.52 5.39
CA ASN A 284 -15.54 14.26 6.48
C ASN A 284 -14.43 14.76 7.42
N GLY A 285 -13.18 14.48 7.07
CA GLY A 285 -12.06 14.86 7.93
C GLY A 285 -11.60 13.63 8.70
N VAL A 286 -11.54 13.72 10.02
CA VAL A 286 -11.16 12.58 10.85
C VAL A 286 -12.41 11.78 11.09
N GLU A 287 -12.51 10.63 10.45
CA GLU A 287 -13.72 9.81 10.50
C GLU A 287 -13.76 9.00 11.77
N GLN A 288 -12.59 8.63 12.23
CA GLN A 288 -12.50 7.75 13.37
C GLN A 288 -11.13 7.84 14.01
N VAL A 289 -11.07 7.79 15.34
CA VAL A 289 -9.81 7.73 16.03
C VAL A 289 -9.66 6.31 16.53
N ILE A 290 -8.50 5.70 16.29
CA ILE A 290 -8.27 4.33 16.73
C ILE A 290 -7.40 4.27 18.00
N GLU A 291 -7.94 3.67 19.06
CA GLU A 291 -7.17 3.51 20.30
C GLU A 291 -6.40 2.17 20.32
N LEU A 292 -5.08 2.21 20.26
CA LEU A 292 -4.32 0.97 20.34
C LEU A 292 -4.52 0.36 21.73
N GLN A 293 -4.76 -0.95 21.80
CA GLN A 293 -4.96 -1.61 23.09
C GLN A 293 -3.61 -1.94 23.72
N LEU A 294 -2.93 -0.89 24.17
CA LEU A 294 -1.57 -1.03 24.73
C LEU A 294 -1.46 -1.85 26.02
N ASN A 295 -0.30 -2.46 26.21
CA ASN A 295 -0.08 -3.19 27.43
C ASN A 295 0.56 -2.26 28.47
N ALA A 296 0.80 -2.77 29.66
CA ALA A 296 1.36 -1.95 30.74
C ALA A 296 2.62 -1.20 30.35
N ASP A 297 3.61 -1.88 29.81
CA ASP A 297 4.85 -1.19 29.49
C ASP A 297 4.63 -0.13 28.42
N GLU A 298 3.80 -0.45 27.44
CA GLU A 298 3.58 0.47 26.33
C GLU A 298 2.85 1.72 26.79
N LYS A 299 1.84 1.53 27.63
CA LYS A 299 1.12 2.67 28.19
C LYS A 299 2.07 3.62 28.91
N LYS A 300 3.02 3.07 29.66
CA LYS A 300 3.96 3.89 30.41
C LYS A 300 4.66 4.84 29.48
N LYS A 301 5.14 4.31 28.36
CA LYS A 301 5.83 5.10 27.35
C LYS A 301 4.92 6.18 26.77
N PHE A 302 3.68 5.82 26.50
CA PHE A 302 2.73 6.78 25.95
C PHE A 302 2.59 7.93 26.92
N ASP A 303 2.37 7.59 28.20
CA ASP A 303 2.19 8.57 29.25
C ASP A 303 3.36 9.54 29.32
N GLU A 304 4.58 9.02 29.17
CA GLU A 304 5.76 9.86 29.24
C GLU A 304 5.83 10.84 28.09
N ALA A 305 5.42 10.43 26.88
CA ALA A 305 5.45 11.31 25.72
C ALA A 305 4.39 12.41 25.88
N VAL A 306 3.21 12.02 26.33
CA VAL A 306 2.17 13.01 26.55
C VAL A 306 2.56 14.04 27.64
N ALA A 307 3.37 13.62 28.60
CA ALA A 307 3.76 14.54 29.68
C ALA A 307 4.72 15.59 29.12
N GLU A 308 5.53 15.18 28.17
CA GLU A 308 6.47 16.07 27.52
C GLU A 308 5.69 17.13 26.72
N THR A 309 4.56 16.73 26.18
CA THR A 309 3.68 17.65 25.48
C THR A 309 2.97 18.48 26.53
N SER A 310 2.53 17.82 27.59
CA SER A 310 1.82 18.49 28.68
C SER A 310 2.69 19.56 29.35
N ARG A 311 3.99 19.29 29.46
CA ARG A 311 4.89 20.22 30.14
C ARG A 311 5.07 21.51 29.37
N MET A 312 5.35 21.38 28.07
CA MET A 312 5.57 22.53 27.20
C MET A 312 4.32 23.36 27.07
N LYS A 313 3.19 22.75 27.35
CA LYS A 313 1.92 23.45 27.22
C LYS A 313 1.88 24.55 28.25
N ALA A 314 2.29 24.23 29.47
CA ALA A 314 2.30 25.23 30.53
C ALA A 314 3.24 26.38 30.19
N LEU A 315 4.22 26.12 29.34
CA LEU A 315 5.12 27.18 28.90
C LEU A 315 4.36 28.19 28.05
N ILE A 316 3.04 28.18 28.23
CA ILE A 316 2.07 29.06 27.58
C ILE A 316 0.95 28.27 27.02
N ALA B 2 16.44 0.08 -20.62
CA ALA B 2 16.05 0.87 -21.61
C ALA B 2 14.75 0.22 -22.47
N PRO B 3 15.15 -1.00 -23.23
CA PRO B 3 14.13 -1.68 -24.06
C PRO B 3 12.90 -2.01 -23.22
N LYS B 4 11.74 -2.04 -23.87
CA LYS B 4 10.56 -2.43 -23.15
C LYS B 4 10.51 -3.93 -22.98
N ALA B 5 9.99 -4.38 -21.85
CA ALA B 5 9.75 -5.79 -21.63
C ALA B 5 8.80 -6.34 -22.71
N LYS B 6 9.00 -7.58 -23.09
CA LYS B 6 8.10 -8.25 -24.03
C LYS B 6 7.19 -9.21 -23.26
N ILE B 7 5.89 -8.96 -23.29
CA ILE B 7 4.94 -9.77 -22.53
C ILE B 7 4.02 -10.59 -23.44
N VAL B 8 4.03 -11.91 -23.27
CA VAL B 8 3.20 -12.79 -24.09
C VAL B 8 2.07 -13.40 -23.27
N LEU B 9 0.85 -13.09 -23.66
CA LEU B 9 -0.33 -13.66 -23.03
C LEU B 9 -0.67 -14.93 -23.81
N VAL B 10 -0.36 -16.08 -23.22
CA VAL B 10 -0.66 -17.38 -23.83
C VAL B 10 -2.07 -17.76 -23.38
N GLY B 11 -3.03 -17.36 -24.21
CA GLY B 11 -4.45 -17.43 -23.91
C GLY B 11 -4.97 -16.00 -23.96
N SER B 12 -5.96 -15.73 -24.81
CA SER B 12 -6.52 -14.37 -24.95
C SER B 12 -8.04 -14.30 -24.82
N GLY B 13 -8.58 -14.96 -23.80
CA GLY B 13 -10.01 -14.93 -23.54
C GLY B 13 -10.35 -13.77 -22.62
N MET B 14 -11.20 -14.05 -21.63
CA MET B 14 -11.66 -13.02 -20.74
C MET B 14 -10.55 -12.35 -19.90
N ILE B 15 -9.67 -13.14 -19.30
CA ILE B 15 -8.62 -12.61 -18.46
C ILE B 15 -7.54 -11.93 -19.33
N GLY B 16 -7.10 -12.61 -20.39
CA GLY B 16 -6.17 -12.01 -21.32
C GLY B 16 -6.58 -10.64 -21.84
N GLY B 17 -7.87 -10.47 -22.10
CA GLY B 17 -8.40 -9.21 -22.58
C GLY B 17 -8.18 -8.08 -21.58
N VAL B 18 -8.45 -8.34 -20.31
CA VAL B 18 -8.27 -7.31 -19.31
C VAL B 18 -6.79 -7.07 -19.02
N MET B 19 -6.01 -8.15 -19.00
CA MET B 19 -4.56 -8.00 -18.83
C MET B 19 -3.94 -7.05 -19.87
N ALA B 20 -4.33 -7.22 -21.12
CA ALA B 20 -3.73 -6.37 -22.15
C ALA B 20 -4.08 -4.88 -21.93
N THR B 21 -5.33 -4.62 -21.58
CA THR B 21 -5.79 -3.28 -21.28
C THR B 21 -4.97 -2.68 -20.15
N LEU B 22 -4.83 -3.45 -19.05
CA LEU B 22 -4.07 -2.98 -17.88
C LEU B 22 -2.59 -2.73 -18.21
N ILE B 23 -1.96 -3.59 -19.00
CA ILE B 23 -0.59 -3.36 -19.43
C ILE B 23 -0.42 -2.03 -20.19
N VAL B 24 -1.34 -1.71 -21.09
CA VAL B 24 -1.24 -0.43 -21.78
C VAL B 24 -1.42 0.73 -20.77
N GLN B 25 -2.42 0.63 -19.89
CA GLN B 25 -2.63 1.65 -18.86
C GLN B 25 -1.34 1.94 -18.11
N LYS B 26 -0.62 0.89 -17.75
CA LYS B 26 0.59 1.08 -16.98
C LYS B 26 1.87 1.17 -17.80
N ASN B 27 1.75 1.22 -19.13
CA ASN B 27 2.90 1.32 -20.04
C ASN B 27 3.96 0.30 -19.66
N LEU B 28 3.49 -0.91 -19.42
CA LEU B 28 4.29 -1.92 -18.78
C LEU B 28 5.19 -2.69 -19.72
N GLY B 29 4.81 -2.77 -20.98
CA GLY B 29 5.61 -3.47 -21.96
C GLY B 29 4.85 -3.81 -23.21
N ASP B 30 5.57 -4.25 -24.24
CA ASP B 30 4.94 -4.71 -25.46
C ASP B 30 4.19 -6.00 -25.19
N VAL B 31 3.05 -6.16 -25.86
CA VAL B 31 2.14 -7.28 -25.66
C VAL B 31 1.84 -8.11 -26.90
N VAL B 32 1.97 -9.43 -26.79
CA VAL B 32 1.50 -10.33 -27.82
C VAL B 32 0.27 -11.06 -27.25
N MET B 33 -0.87 -10.97 -27.94
CA MET B 33 -2.06 -11.69 -27.48
C MET B 33 -2.20 -12.98 -28.29
N PHE B 34 -1.73 -14.07 -27.71
CA PHE B 34 -1.76 -15.35 -28.38
C PHE B 34 -2.99 -16.20 -28.03
N ASP B 35 -3.47 -16.95 -29.01
CA ASP B 35 -4.59 -17.85 -28.83
C ASP B 35 -4.66 -18.87 -29.96
N ILE B 36 -5.40 -19.95 -29.74
CA ILE B 36 -5.59 -20.92 -30.82
C ILE B 36 -6.79 -20.56 -31.67
N VAL B 37 -7.67 -19.71 -31.15
CA VAL B 37 -8.84 -19.30 -31.93
C VAL B 37 -8.39 -18.31 -33.00
N LYS B 38 -8.71 -18.64 -34.24
CA LYS B 38 -8.27 -17.80 -35.35
C LYS B 38 -8.91 -16.42 -35.32
N ASN B 39 -8.09 -15.41 -35.62
CA ASN B 39 -8.54 -14.02 -35.76
C ASN B 39 -8.91 -13.24 -34.50
N MET B 40 -9.64 -13.85 -33.59
CA MET B 40 -10.10 -13.21 -32.36
C MET B 40 -9.03 -12.33 -31.66
N PRO B 41 -7.86 -12.87 -31.39
CA PRO B 41 -6.80 -12.09 -30.75
C PRO B 41 -6.32 -10.90 -31.58
N HIS B 42 -6.27 -11.02 -32.91
CA HIS B 42 -5.85 -9.86 -33.69
C HIS B 42 -6.82 -8.70 -33.50
N GLY B 43 -8.10 -9.00 -33.40
CA GLY B 43 -9.10 -7.99 -33.17
C GLY B 43 -8.98 -7.38 -31.78
N LYS B 44 -8.87 -8.23 -30.75
CA LYS B 44 -8.74 -7.68 -29.40
C LYS B 44 -7.52 -6.76 -29.37
N ALA B 45 -6.43 -7.22 -29.98
CA ALA B 45 -5.19 -6.45 -30.00
C ALA B 45 -5.34 -5.12 -30.75
N LEU B 46 -5.98 -5.13 -31.91
CA LEU B 46 -6.18 -3.89 -32.65
C LEU B 46 -6.93 -2.89 -31.76
N ASP B 47 -8.09 -3.32 -31.25
CA ASP B 47 -8.91 -2.54 -30.31
C ASP B 47 -8.02 -2.00 -29.20
N THR B 48 -7.33 -2.89 -28.51
CA THR B 48 -6.50 -2.44 -27.40
C THR B 48 -5.37 -1.45 -27.74
N SER B 49 -4.75 -1.62 -28.89
CA SER B 49 -3.62 -0.77 -29.29
C SER B 49 -3.97 0.72 -29.29
N HIS B 50 -5.20 1.04 -29.69
CA HIS B 50 -5.62 2.44 -29.76
C HIS B 50 -5.61 3.16 -28.40
N THR B 51 -5.74 2.40 -27.32
CA THR B 51 -5.74 3.04 -26.01
C THR B 51 -4.40 3.66 -25.60
N ASN B 52 -3.36 3.47 -26.42
CA ASN B 52 -2.05 4.05 -26.13
C ASN B 52 -2.15 5.58 -26.11
N VAL B 53 -3.10 6.08 -26.91
CA VAL B 53 -3.31 7.51 -27.06
C VAL B 53 -3.93 8.08 -25.81
N MET B 54 -5.05 7.51 -25.41
CA MET B 54 -5.71 7.90 -24.18
C MET B 54 -4.84 7.71 -22.93
N ALA B 55 -3.92 6.74 -22.94
CA ALA B 55 -3.10 6.48 -21.75
C ALA B 55 -1.68 7.05 -21.72
N TYR B 56 -1.34 7.87 -22.72
CA TYR B 56 0.00 8.40 -22.87
C TYR B 56 1.04 7.27 -22.86
N SER B 57 0.68 6.10 -23.34
CA SER B 57 1.63 4.99 -23.36
C SER B 57 2.25 4.79 -24.73
N ASN B 58 3.19 3.85 -24.77
CA ASN B 58 3.89 3.48 -25.99
C ASN B 58 4.15 1.98 -26.01
N CYS B 59 3.08 1.19 -25.94
CA CYS B 59 3.21 -0.26 -25.98
C CYS B 59 2.55 -0.83 -27.21
N LYS B 60 3.29 -1.63 -27.98
CA LYS B 60 2.71 -2.37 -29.10
C LYS B 60 1.76 -3.43 -28.58
N VAL B 61 0.66 -3.65 -29.30
CA VAL B 61 -0.24 -4.74 -28.99
C VAL B 61 -0.63 -5.45 -30.28
N SER B 62 -0.15 -6.69 -30.43
CA SER B 62 -0.45 -7.49 -31.61
C SER B 62 -1.02 -8.86 -31.23
N GLY B 63 -1.86 -9.41 -32.09
CA GLY B 63 -2.40 -10.74 -31.90
C GLY B 63 -1.49 -11.78 -32.53
N SER B 64 -1.74 -13.04 -32.21
CA SER B 64 -0.95 -14.13 -32.75
C SER B 64 -1.68 -15.46 -32.66
N ASN B 65 -1.38 -16.33 -33.62
CA ASN B 65 -1.84 -17.71 -33.64
C ASN B 65 -0.65 -18.66 -33.79
N THR B 66 0.58 -18.17 -33.56
CA THR B 66 1.81 -18.99 -33.64
C THR B 66 2.64 -19.00 -32.38
N TYR B 67 3.09 -20.18 -31.95
CA TYR B 67 3.97 -20.25 -30.77
C TYR B 67 5.31 -19.57 -31.06
N ASP B 68 5.56 -19.23 -32.33
CA ASP B 68 6.81 -18.58 -32.74
C ASP B 68 6.94 -17.26 -32.00
N ASP B 69 5.80 -16.64 -31.68
CA ASP B 69 5.82 -15.33 -31.06
C ASP B 69 6.27 -15.36 -29.59
N LEU B 70 6.48 -16.55 -29.03
CA LEU B 70 7.05 -16.65 -27.70
C LEU B 70 8.53 -16.24 -27.69
N LYS B 71 9.15 -16.22 -28.86
CA LYS B 71 10.57 -15.90 -28.96
C LYS B 71 11.01 -14.64 -28.19
N ASP B 72 12.00 -14.83 -27.33
CA ASP B 72 12.60 -13.76 -26.52
C ASP B 72 11.65 -13.10 -25.52
N ALA B 73 10.56 -13.76 -25.19
CA ALA B 73 9.63 -13.20 -24.20
C ALA B 73 10.31 -12.97 -22.84
N ASP B 74 9.93 -11.90 -22.16
CA ASP B 74 10.47 -11.63 -20.83
C ASP B 74 9.51 -12.15 -19.77
N VAL B 75 8.23 -12.03 -20.08
CA VAL B 75 7.17 -12.52 -19.21
C VAL B 75 6.15 -13.28 -20.04
N VAL B 76 5.77 -14.46 -19.57
CA VAL B 76 4.78 -15.28 -20.22
C VAL B 76 3.69 -15.56 -19.20
N ILE B 77 2.44 -15.29 -19.57
CA ILE B 77 1.30 -15.52 -18.67
C ILE B 77 0.31 -16.53 -19.31
N VAL B 78 0.13 -17.66 -18.65
CA VAL B 78 -0.68 -18.74 -19.20
C VAL B 78 -2.09 -18.85 -18.64
N THR B 79 -3.08 -18.50 -19.45
CA THR B 79 -4.49 -18.62 -19.07
C THR B 79 -5.19 -19.65 -19.96
N ALA B 80 -4.43 -20.25 -20.87
CA ALA B 80 -4.95 -21.22 -21.83
C ALA B 80 -5.70 -22.40 -21.20
N GLY B 81 -6.96 -22.58 -21.62
CA GLY B 81 -7.81 -23.64 -21.10
C GLY B 81 -9.29 -23.32 -20.99
N PHE B 82 -10.03 -24.11 -20.21
CA PHE B 82 -11.46 -23.89 -20.03
C PHE B 82 -11.79 -23.43 -18.61
N THR B 83 -12.85 -22.62 -18.50
CA THR B 83 -13.28 -22.07 -17.22
C THR B 83 -14.26 -22.97 -16.48
N LYS B 84 -14.83 -23.93 -17.20
CA LYS B 84 -15.81 -24.86 -16.64
C LYS B 84 -16.06 -26.08 -17.56
N ALA B 85 -16.88 -26.70 -17.26
CA ALA B 85 -16.84 -28.10 -17.69
C ALA B 85 -18.22 -28.69 -18.34
N PRO B 86 -18.10 -29.18 -19.57
CA PRO B 86 -19.26 -29.61 -20.36
C PRO B 86 -20.23 -30.47 -19.48
N GLY B 87 -21.69 -30.26 -19.77
CA GLY B 87 -22.68 -31.08 -19.09
C GLY B 87 -22.81 -30.76 -17.62
N LYS B 88 -22.07 -29.74 -17.17
CA LYS B 88 -22.11 -29.32 -15.77
C LYS B 88 -22.91 -28.02 -15.60
N SER B 89 -23.66 -27.96 -14.51
CA SER B 89 -24.49 -26.82 -14.19
C SER B 89 -23.68 -25.75 -13.45
N ASP B 90 -24.15 -24.51 -13.46
CA ASP B 90 -23.48 -23.42 -12.76
C ASP B 90 -23.42 -23.66 -11.23
N LYS B 91 -24.38 -24.41 -10.70
CA LYS B 91 -24.42 -24.66 -9.25
C LYS B 91 -23.41 -25.73 -8.80
N GLU B 92 -23.04 -26.62 -9.71
CA GLU B 92 -22.09 -27.68 -9.40
C GLU B 92 -20.68 -27.30 -9.86
N TRP B 93 -20.49 -26.02 -10.16
CA TRP B 93 -19.20 -25.52 -10.62
C TRP B 93 -18.10 -25.83 -9.61
N ASN B 94 -17.02 -26.41 -10.08
CA ASN B 94 -15.87 -26.73 -9.24
C ASN B 94 -14.58 -26.79 -10.05
N ARG B 95 -13.54 -25.93 -9.76
CA ARG B 95 -12.23 -25.89 -10.41
C ARG B 95 -11.53 -27.34 -10.48
N ASP B 96 -11.98 -28.20 -9.71
CA ASP B 96 -11.52 -29.60 -9.77
C ASP B 96 -11.89 -30.42 -11.02
N ASP B 97 -13.12 -30.26 -11.50
CA ASP B 97 -13.58 -30.90 -12.73
C ASP B 97 -12.82 -30.39 -13.96
N LEU B 98 -11.71 -29.71 -13.72
CA LEU B 98 -10.92 -29.11 -14.78
C LEU B 98 -9.70 -29.90 -15.21
N LEU B 99 -9.39 -31.00 -14.53
CA LEU B 99 -8.31 -31.88 -14.97
C LEU B 99 -8.71 -32.41 -16.34
N PRO B 100 -9.91 -32.95 -16.47
CA PRO B 100 -10.46 -33.32 -17.78
C PRO B 100 -10.15 -32.28 -18.86
N LEU B 101 -10.79 -31.13 -18.75
CA LEU B 101 -10.62 -30.01 -19.66
C LEU B 101 -9.18 -29.54 -19.94
N ASN B 102 -8.21 -29.49 -19.01
CA ASN B 102 -6.95 -28.74 -19.28
C ASN B 102 -5.50 -29.27 -19.03
N ASN B 103 -5.34 -30.58 -18.81
CA ASN B 103 -4.01 -31.12 -18.53
C ASN B 103 -3.04 -31.03 -19.70
N LYS B 104 -3.44 -31.63 -20.82
CA LYS B 104 -2.58 -31.74 -22.00
C LYS B 104 -2.04 -30.40 -22.51
N ILE B 105 -2.84 -29.36 -22.39
CA ILE B 105 -2.42 -28.06 -22.86
C ILE B 105 -1.10 -27.60 -22.23
N MET B 106 -0.88 -27.96 -20.98
CA MET B 106 0.36 -27.59 -20.30
C MET B 106 1.59 -28.22 -20.95
N ILE B 107 1.48 -29.50 -21.36
CA ILE B 107 2.61 -30.18 -21.99
C ILE B 107 3.01 -29.46 -23.28
N GLU B 108 2.01 -29.17 -24.10
CA GLU B 108 2.27 -28.50 -25.35
C GLU B 108 2.96 -27.15 -25.13
N ILE B 109 2.37 -26.32 -24.27
CA ILE B 109 2.92 -24.99 -24.01
C ILE B 109 4.33 -25.03 -23.43
N GLY B 110 4.57 -25.97 -22.51
CA GLY B 110 5.87 -26.14 -21.93
C GLY B 110 6.97 -26.39 -22.95
N GLY B 111 6.68 -27.25 -23.91
CA GLY B 111 7.65 -27.54 -24.96
C GLY B 111 8.07 -26.29 -25.69
N HIS B 112 7.10 -25.49 -26.11
CA HIS B 112 7.40 -24.27 -26.85
C HIS B 112 8.14 -23.25 -26.02
N ILE B 113 7.86 -23.21 -24.72
CA ILE B 113 8.54 -22.27 -23.86
C ILE B 113 10.02 -22.65 -23.79
N LYS B 114 10.28 -23.94 -23.66
CA LYS B 114 11.65 -24.40 -23.54
C LYS B 114 12.42 -23.99 -24.77
N ASN B 115 11.76 -24.08 -25.93
CA ASN B 115 12.36 -23.73 -27.21
C ASN B 115 12.54 -22.25 -27.46
N ASN B 116 11.48 -21.49 -27.18
CA ASN B 116 11.47 -20.07 -27.55
C ASN B 116 11.93 -19.03 -26.53
N CYS B 117 11.66 -19.27 -25.25
CA CYS B 117 12.01 -18.31 -24.21
C CYS B 117 12.32 -18.97 -22.85
N PRO B 118 13.44 -19.66 -22.77
CA PRO B 118 13.81 -20.41 -21.57
C PRO B 118 14.11 -19.49 -20.39
N ASN B 119 14.36 -18.21 -20.64
CA ASN B 119 14.73 -17.32 -19.55
C ASN B 119 13.59 -16.39 -19.09
N ALA B 120 12.39 -16.65 -19.59
CA ALA B 120 11.23 -15.86 -19.21
C ALA B 120 10.74 -16.15 -17.78
N PHE B 121 10.09 -15.15 -17.18
CA PHE B 121 9.39 -15.32 -15.89
C PHE B 121 7.98 -15.80 -16.28
N ILE B 122 7.51 -16.89 -15.70
CA ILE B 122 6.20 -17.45 -16.05
C ILE B 122 5.14 -17.44 -14.93
N ILE B 123 3.93 -17.00 -15.28
CA ILE B 123 2.81 -17.00 -14.37
C ILE B 123 1.69 -17.89 -14.94
N VAL B 124 1.33 -18.93 -14.20
CA VAL B 124 0.27 -19.87 -14.62
C VAL B 124 -1.04 -19.54 -13.93
N VAL B 125 -2.13 -19.57 -14.68
CA VAL B 125 -3.43 -19.23 -14.15
C VAL B 125 -4.39 -20.41 -14.29
N THR B 126 -4.27 -21.10 -15.40
CA THR B 126 -5.07 -22.26 -15.75
C THR B 126 -5.45 -23.14 -14.56
N ASN B 127 -6.74 -23.27 -14.25
CA ASN B 127 -7.09 -24.14 -13.12
C ASN B 127 -7.01 -25.64 -13.47
N PRO B 128 -6.78 -26.50 -12.49
CA PRO B 128 -6.53 -26.15 -11.09
C PRO B 128 -5.09 -25.74 -10.99
N VAL B 129 -4.89 -24.47 -10.69
CA VAL B 129 -3.59 -23.82 -10.74
C VAL B 129 -2.41 -24.53 -10.03
N ASP B 130 -2.59 -24.92 -8.78
CA ASP B 130 -1.50 -25.55 -8.04
C ASP B 130 -0.98 -26.85 -8.69
N VAL B 131 -1.85 -27.55 -9.39
CA VAL B 131 -1.42 -28.70 -10.16
C VAL B 131 -0.83 -28.25 -11.50
N MET B 132 -1.53 -27.38 -12.22
CA MET B 132 -1.11 -26.92 -13.55
C MET B 132 0.27 -26.26 -13.55
N VAL B 133 0.51 -25.39 -12.56
CA VAL B 133 1.78 -24.70 -12.48
C VAL B 133 2.94 -25.70 -12.40
N GLN B 134 2.81 -26.77 -11.61
CA GLN B 134 3.92 -27.74 -11.52
C GLN B 134 4.07 -28.52 -12.83
N LEU B 135 2.97 -28.83 -13.47
CA LEU B 135 3.03 -29.48 -14.77
C LEU B 135 3.80 -28.63 -15.76
N LEU B 136 3.45 -27.34 -15.86
CA LEU B 136 4.15 -26.45 -16.79
C LEU B 136 5.60 -26.32 -16.38
N HIS B 137 5.82 -26.32 -15.08
CA HIS B 137 7.19 -26.27 -14.59
C HIS B 137 8.00 -27.46 -15.11
N GLN B 138 7.40 -28.65 -15.06
CA GLN B 138 8.10 -29.87 -15.45
C GLN B 138 8.40 -29.94 -16.95
N HIS B 139 7.50 -29.42 -17.76
CA HIS B 139 7.68 -29.56 -19.20
C HIS B 139 8.42 -28.40 -19.83
N SER B 140 8.43 -27.26 -19.15
CA SER B 140 9.09 -26.09 -19.68
C SER B 140 10.58 -26.03 -19.31
N GLY B 141 10.95 -26.66 -18.21
CA GLY B 141 12.35 -26.72 -17.80
C GLY B 141 12.93 -25.48 -17.15
N VAL B 142 12.10 -24.46 -16.91
CA VAL B 142 12.61 -23.25 -16.30
C VAL B 142 12.95 -23.48 -14.83
N PRO B 143 13.81 -22.63 -14.28
CA PRO B 143 14.17 -22.74 -12.87
C PRO B 143 12.98 -22.41 -11.95
N LYS B 144 13.05 -22.98 -10.74
CA LYS B 144 11.98 -22.85 -9.76
C LYS B 144 11.75 -21.40 -9.35
N ASN B 145 12.77 -20.56 -9.36
CA ASN B 145 12.57 -19.16 -9.02
C ASN B 145 12.00 -18.34 -10.19
N LYS B 146 11.71 -19.00 -11.31
CA LYS B 146 11.22 -18.26 -12.46
C LYS B 146 9.77 -18.60 -12.84
N ILE B 147 9.09 -19.37 -12.02
CA ILE B 147 7.68 -19.73 -12.31
C ILE B 147 6.82 -19.80 -11.05
N VAL B 148 5.65 -19.14 -11.10
CA VAL B 148 4.69 -19.14 -10.02
C VAL B 148 3.26 -19.24 -10.57
N GLY B 149 2.32 -19.56 -9.67
CA GLY B 149 0.93 -19.68 -10.04
C GLY B 149 0.10 -18.62 -9.34
N LEU B 150 -0.98 -18.19 -9.98
CA LEU B 150 -1.91 -17.21 -9.40
C LEU B 150 -2.74 -17.83 -8.28
N GLY B 151 -2.89 -17.11 -7.17
CA GLY B 151 -3.70 -17.58 -6.06
C GLY B 151 -3.93 -16.56 -4.93
N GLY B 152 -2.96 -16.47 -4.03
CA GLY B 152 -3.12 -15.64 -2.83
C GLY B 152 -3.50 -14.20 -3.05
N VAL B 153 -2.84 -13.57 -4.03
CA VAL B 153 -3.12 -12.19 -4.37
C VAL B 153 -4.61 -11.99 -4.69
N LEU B 154 -5.17 -12.88 -5.50
CA LEU B 154 -6.61 -12.84 -5.80
C LEU B 154 -7.49 -13.19 -4.59
N ASP B 155 -7.17 -14.28 -3.89
CA ASP B 155 -8.00 -14.69 -2.76
C ASP B 155 -7.97 -13.63 -1.68
N THR B 156 -6.79 -13.12 -1.34
CA THR B 156 -6.76 -12.09 -0.29
C THR B 156 -7.42 -10.76 -0.71
N SER B 157 -7.39 -10.42 -2.00
CA SER B 157 -8.05 -9.18 -2.40
C SER B 157 -9.53 -9.20 -2.02
N ARG B 158 -10.12 -10.38 -2.04
CA ARG B 158 -11.51 -10.51 -1.67
C ARG B 158 -11.69 -10.30 -0.18
N LEU B 159 -10.91 -11.06 0.61
CA LEU B 159 -10.96 -10.98 2.07
C LEU B 159 -10.64 -9.56 2.53
N LYS B 160 -9.60 -8.98 1.92
CA LYS B 160 -9.21 -7.61 2.31
C LYS B 160 -10.36 -6.67 2.02
N TYR B 161 -10.94 -6.79 0.84
CA TYR B 161 -11.99 -5.87 0.44
C TYR B 161 -13.24 -5.94 1.33
N TYR B 162 -13.74 -7.14 1.58
CA TYR B 162 -14.93 -7.32 2.44
C TYR B 162 -14.70 -6.76 3.84
N ILE B 163 -13.56 -7.05 4.43
CA ILE B 163 -13.28 -6.51 5.76
C ILE B 163 -13.28 -4.98 5.69
N SER B 164 -12.62 -4.45 4.67
CA SER B 164 -12.52 -3.00 4.51
C SER B 164 -13.90 -2.33 4.39
N GLN B 165 -14.86 -3.03 3.77
CA GLN B 165 -16.20 -2.48 3.67
C GLN B 165 -16.84 -2.39 5.05
N LYS B 166 -16.66 -3.43 5.84
CA LYS B 166 -17.24 -3.48 7.17
C LYS B 166 -16.59 -2.46 8.11
N LEU B 167 -15.28 -2.28 8.00
CA LEU B 167 -14.58 -1.36 8.89
C LEU B 167 -14.51 0.09 8.41
N ASN B 168 -14.91 0.35 7.16
CA ASN B 168 -14.83 1.71 6.58
C ASN B 168 -13.41 2.30 6.44
N VAL B 169 -12.48 1.50 5.94
CA VAL B 169 -11.11 1.91 5.66
C VAL B 169 -10.66 1.62 4.24
N CYS B 170 -9.55 2.22 3.82
CA CYS B 170 -8.96 1.95 2.53
C CYS B 170 -8.68 0.46 2.41
N PRO B 171 -9.17 -0.19 1.36
CA PRO B 171 -8.97 -1.64 1.17
C PRO B 171 -7.49 -2.03 1.22
N ARG B 172 -6.59 -1.16 0.76
CA ARG B 172 -5.17 -1.52 0.81
C ARG B 172 -4.64 -1.57 2.25
N ASP B 173 -5.40 -0.97 3.17
CA ASP B 173 -5.02 -0.94 4.61
C ASP B 173 -5.30 -2.23 5.36
N VAL B 174 -6.06 -3.14 4.75
CA VAL B 174 -6.30 -4.44 5.36
C VAL B 174 -5.24 -5.40 4.82
N ASN B 175 -4.58 -6.13 5.72
CA ASN B 175 -3.62 -7.10 5.29
C ASN B 175 -4.08 -8.46 5.80
N ALA B 176 -3.97 -9.49 4.94
CA ALA B 176 -4.37 -10.86 5.30
C ALA B 176 -3.66 -11.93 4.43
N HIS B 177 -3.64 -13.15 4.92
CA HIS B 177 -3.01 -14.28 4.26
C HIS B 177 -3.95 -15.49 4.04
N ILE B 178 -4.00 -15.95 2.80
CA ILE B 178 -4.70 -17.16 2.42
C ILE B 178 -3.64 -17.99 1.71
N VAL B 179 -3.33 -19.16 2.27
CA VAL B 179 -2.27 -19.98 1.75
C VAL B 179 -2.68 -21.44 1.48
N GLY B 180 -1.70 -22.24 1.06
CA GLY B 180 -1.93 -23.64 0.83
C GLY B 180 -2.33 -23.97 -0.58
N ALA B 181 -3.59 -23.72 -0.91
CA ALA B 181 -4.06 -24.00 -2.27
C ALA B 181 -5.14 -23.03 -2.70
N HIS B 182 -5.20 -22.75 -3.99
CA HIS B 182 -6.28 -21.91 -4.53
C HIS B 182 -7.44 -22.86 -4.83
N GLY B 183 -8.56 -22.66 -4.17
CA GLY B 183 -9.69 -23.58 -4.32
C GLY B 183 -10.45 -23.71 -3.01
N ASN B 184 -11.39 -24.65 -2.99
CA ASN B 184 -12.25 -24.83 -1.83
C ASN B 184 -11.53 -25.13 -0.50
N LYS B 185 -10.32 -25.68 -0.55
CA LYS B 185 -9.57 -25.97 0.67
C LYS B 185 -8.62 -24.83 1.08
N MET B 186 -8.76 -23.66 0.45
CA MET B 186 -7.93 -22.51 0.79
C MET B 186 -7.89 -22.26 2.29
N VAL B 187 -6.70 -21.98 2.81
CA VAL B 187 -6.49 -21.74 4.22
C VAL B 187 -6.52 -20.26 4.59
N LEU B 188 -7.61 -19.82 5.20
CA LEU B 188 -7.73 -18.44 5.65
C LEU B 188 -7.26 -18.30 7.10
N LEU B 189 -6.18 -17.56 7.29
CA LEU B 189 -5.56 -17.42 8.60
C LEU B 189 -5.99 -16.20 9.39
N LYS B 190 -6.99 -16.36 10.27
CA LYS B 190 -7.51 -15.25 11.10
C LYS B 190 -6.43 -14.55 11.89
N ARG B 191 -5.47 -15.31 12.39
CA ARG B 191 -4.40 -14.78 13.20
C ARG B 191 -3.51 -13.82 12.40
N TYR B 192 -3.46 -14.01 11.09
CA TYR B 192 -2.64 -13.10 10.28
C TYR B 192 -3.42 -11.96 9.63
N ILE B 193 -4.48 -11.47 10.27
CA ILE B 193 -5.19 -10.33 9.69
C ILE B 193 -4.93 -9.05 10.46
N THR B 194 -4.56 -8.00 9.75
CA THR B 194 -4.32 -6.70 10.34
C THR B 194 -5.11 -5.64 9.60
N VAL B 195 -5.41 -4.54 10.29
CA VAL B 195 -6.07 -3.40 9.70
C VAL B 195 -5.23 -2.21 10.08
N GLY B 196 -4.62 -1.57 9.09
CA GLY B 196 -3.74 -0.46 9.36
C GLY B 196 -2.59 -0.93 10.24
N GLY B 197 -2.18 -2.19 10.03
CA GLY B 197 -1.11 -2.79 10.80
C GLY B 197 -1.50 -3.26 12.20
N ILE B 198 -2.77 -3.08 12.58
CA ILE B 198 -3.27 -3.48 13.89
C ILE B 198 -3.98 -4.86 13.82
N PRO B 199 -3.68 -5.76 14.76
CA PRO B 199 -4.35 -7.08 14.78
C PRO B 199 -5.87 -6.95 14.72
N LEU B 200 -6.52 -7.80 13.92
CA LEU B 200 -7.98 -7.75 13.78
C LEU B 200 -8.66 -7.92 15.12
N GLN B 201 -8.07 -8.76 15.98
CA GLN B 201 -8.66 -8.99 17.29
C GLN B 201 -8.99 -7.70 18.05
N GLU B 202 -8.17 -6.67 17.88
CA GLU B 202 -8.43 -5.39 18.56
C GLU B 202 -9.74 -4.77 18.12
N PHE B 203 -10.09 -4.91 16.85
CA PHE B 203 -11.36 -4.36 16.35
C PHE B 203 -12.55 -5.21 16.83
N ILE B 204 -12.31 -6.49 17.05
CA ILE B 204 -13.35 -7.37 17.57
C ILE B 204 -13.62 -7.03 19.04
N ASN B 205 -12.56 -6.84 19.80
CA ASN B 205 -12.66 -6.43 21.20
C ASN B 205 -13.45 -5.12 21.31
N ASN B 206 -13.28 -4.26 20.32
CA ASN B 206 -13.95 -2.95 20.30
C ASN B 206 -15.37 -3.02 19.80
N LYS B 207 -15.78 -4.18 19.29
CA LYS B 207 -17.15 -4.31 18.80
C LYS B 207 -17.34 -3.57 17.47
N LYS B 208 -16.30 -3.54 16.64
CA LYS B 208 -16.35 -2.89 15.34
C LYS B 208 -16.74 -3.91 14.31
N ILE B 209 -16.41 -5.16 14.61
CA ILE B 209 -16.75 -6.30 13.78
C ILE B 209 -16.85 -7.48 14.75
N THR B 210 -17.77 -8.42 14.49
CA THR B 210 -17.93 -9.58 15.35
C THR B 210 -17.34 -10.84 14.77
N ASP B 211 -17.11 -11.84 15.63
CA ASP B 211 -16.60 -13.12 15.18
C ASP B 211 -17.52 -13.65 14.08
N GLN B 212 -18.82 -13.53 14.30
CA GLN B 212 -19.84 -14.02 13.38
C GLN B 212 -19.75 -13.35 12.01
N GLU B 213 -19.61 -12.03 12.00
CA GLU B 213 -19.48 -11.28 10.75
C GLU B 213 -18.21 -11.73 10.01
N LEU B 214 -17.15 -11.98 10.78
CA LEU B 214 -15.90 -12.40 10.19
C LEU B 214 -16.05 -13.77 9.54
N ASP B 215 -16.70 -14.70 10.23
CA ASP B 215 -16.93 -16.02 9.65
C ASP B 215 -17.80 -15.94 8.38
N ALA B 216 -18.78 -15.05 8.38
CA ALA B 216 -19.61 -14.88 7.20
C ALA B 216 -18.73 -14.38 6.03
N ILE B 217 -17.88 -13.40 6.32
CA ILE B 217 -16.95 -12.87 5.34
C ILE B 217 -16.06 -14.00 4.81
N PHE B 218 -15.65 -14.90 5.70
CA PHE B 218 -14.88 -16.07 5.29
C PHE B 218 -15.64 -16.92 4.28
N ASP B 219 -16.87 -17.30 4.61
CA ASP B 219 -17.63 -18.11 3.66
C ASP B 219 -17.72 -17.38 2.31
N ARG B 220 -17.93 -16.07 2.35
CA ARG B 220 -18.06 -15.29 1.13
C ARG B 220 -16.79 -15.37 0.29
N THR B 221 -15.65 -15.29 0.98
CA THR B 221 -14.35 -15.30 0.32
C THR B 221 -14.11 -16.61 -0.39
N ILE B 222 -14.36 -17.71 0.29
CA ILE B 222 -14.22 -19.04 -0.27
C ILE B 222 -15.17 -19.29 -1.45
N ASN B 223 -16.39 -18.78 -1.35
CA ASN B 223 -17.38 -19.04 -2.40
C ASN B 223 -17.54 -17.93 -3.45
N THR B 224 -16.66 -16.95 -3.45
CA THR B 224 -16.76 -15.80 -4.35
C THR B 224 -16.79 -16.18 -5.84
N ALA B 225 -15.90 -17.05 -6.27
CA ALA B 225 -15.92 -17.44 -7.67
C ALA B 225 -17.29 -18.06 -8.02
N LEU B 226 -17.73 -19.00 -7.19
CA LEU B 226 -19.02 -19.64 -7.41
C LEU B 226 -20.16 -18.61 -7.41
N GLU B 227 -20.12 -17.66 -6.50
CA GLU B 227 -21.16 -16.63 -6.45
C GLU B 227 -21.19 -15.82 -7.77
N ILE B 228 -20.01 -15.52 -8.30
CA ILE B 228 -19.96 -14.78 -9.55
C ILE B 228 -20.31 -15.64 -10.77
N VAL B 229 -19.89 -16.90 -10.75
CA VAL B 229 -20.27 -17.80 -11.83
C VAL B 229 -21.77 -17.83 -11.88
N ASN B 230 -22.40 -17.93 -10.72
CA ASN B 230 -23.84 -17.99 -10.66
C ASN B 230 -24.55 -16.70 -11.02
N LEU B 231 -23.84 -15.59 -10.99
CA LEU B 231 -24.46 -14.35 -11.37
C LEU B 231 -24.15 -13.98 -12.83
N HIS B 232 -22.98 -14.38 -13.33
CA HIS B 232 -22.51 -14.00 -14.67
C HIS B 232 -21.58 -15.01 -15.32
N ALA B 233 -20.33 -15.03 -14.86
CA ALA B 233 -19.34 -15.94 -15.45
C ALA B 233 -18.08 -16.05 -14.60
N SER B 234 -17.23 -17.02 -14.94
CA SER B 234 -15.98 -17.18 -14.26
C SER B 234 -15.32 -15.80 -14.18
N PRO B 235 -15.02 -15.37 -12.96
CA PRO B 235 -14.41 -14.06 -12.69
C PRO B 235 -13.17 -13.82 -13.54
N TYR B 236 -12.97 -12.59 -14.01
CA TYR B 236 -11.79 -12.28 -14.81
C TYR B 236 -11.14 -10.89 -14.62
N VAL B 237 -11.89 -9.91 -14.12
CA VAL B 237 -11.29 -8.59 -13.92
C VAL B 237 -10.30 -8.61 -12.73
N ALA B 238 -10.73 -9.10 -11.58
CA ALA B 238 -9.82 -9.18 -10.43
C ALA B 238 -8.67 -10.14 -10.69
N PRO B 239 -8.95 -11.32 -11.23
CA PRO B 239 -7.87 -12.22 -11.59
C PRO B 239 -6.82 -11.48 -12.44
N ALA B 240 -7.25 -10.70 -13.42
CA ALA B 240 -6.30 -9.97 -14.26
C ALA B 240 -5.43 -8.94 -13.51
N ALA B 241 -6.06 -8.14 -12.66
CA ALA B 241 -5.37 -7.11 -11.90
C ALA B 241 -4.34 -7.76 -10.99
N ALA B 242 -4.72 -8.91 -10.42
CA ALA B 242 -3.85 -9.64 -9.51
C ALA B 242 -2.62 -10.12 -10.25
N ILE B 243 -2.84 -10.75 -11.41
CA ILE B 243 -1.70 -11.22 -12.22
C ILE B 243 -0.76 -10.07 -12.58
N ILE B 244 -1.33 -8.95 -13.03
CA ILE B 244 -0.53 -7.80 -13.45
C ILE B 244 0.25 -7.20 -12.27
N GLU B 245 -0.31 -7.25 -11.07
CA GLU B 245 0.42 -6.79 -9.89
C GLU B 245 1.69 -7.61 -9.74
N MET B 246 1.54 -8.90 -9.96
CA MET B 246 2.64 -9.83 -9.89
C MET B 246 3.67 -9.55 -11.01
N ALA B 247 3.22 -9.45 -12.25
CA ALA B 247 4.12 -9.20 -13.38
C ALA B 247 4.83 -7.86 -13.23
N GLU B 248 4.12 -6.87 -12.72
CA GLU B 248 4.69 -5.55 -12.53
C GLU B 248 5.80 -5.58 -11.49
N SER B 249 5.63 -6.37 -10.44
CA SER B 249 6.64 -6.42 -9.39
C SER B 249 7.93 -7.05 -9.91
N TYR B 250 7.81 -7.96 -10.89
CA TYR B 250 8.97 -8.55 -11.56
C TYR B 250 9.63 -7.57 -12.55
N ILE B 251 8.83 -6.98 -13.44
CA ILE B 251 9.34 -6.02 -14.43
C ILE B 251 9.97 -4.74 -13.81
N ARG B 252 9.36 -4.18 -12.78
CA ARG B 252 9.87 -2.96 -12.16
C ARG B 252 10.75 -3.23 -10.94
N ASP B 253 11.02 -4.49 -10.67
CA ASP B 253 11.85 -4.86 -9.53
C ASP B 253 11.30 -4.26 -8.25
N LEU B 254 10.02 -4.47 -7.99
CA LEU B 254 9.42 -3.86 -6.81
C LEU B 254 9.72 -4.59 -5.49
N ARG B 255 9.95 -5.90 -5.57
CA ARG B 255 10.22 -6.70 -4.36
C ARG B 255 9.03 -6.76 -3.39
N LYS B 256 7.82 -6.68 -3.94
CA LYS B 256 6.64 -6.83 -3.11
C LYS B 256 6.53 -8.23 -2.55
N VAL B 257 5.90 -8.31 -1.38
CA VAL B 257 5.56 -9.58 -0.77
C VAL B 257 4.18 -9.94 -1.30
N LEU B 258 4.09 -11.05 -2.03
CA LEU B 258 2.84 -11.51 -2.61
C LEU B 258 2.71 -13.04 -2.40
N ILE B 259 1.48 -13.49 -2.19
CA ILE B 259 1.24 -14.90 -1.98
C ILE B 259 0.97 -15.56 -3.31
N CYS B 260 1.90 -16.38 -3.77
CA CYS B 260 1.73 -17.12 -5.01
C CYS B 260 2.04 -18.60 -4.82
N SER B 261 1.61 -19.40 -5.79
CA SER B 261 1.93 -20.81 -5.80
C SER B 261 3.39 -20.99 -6.22
N THR B 262 4.18 -21.64 -5.36
CA THR B 262 5.58 -21.84 -5.61
C THR B 262 6.04 -23.22 -5.15
N LEU B 263 7.15 -23.68 -5.71
CA LEU B 263 7.69 -24.99 -5.39
C LEU B 263 8.24 -25.06 -3.95
N LEU B 264 7.68 -25.95 -3.15
CA LEU B 264 8.13 -26.16 -1.77
C LEU B 264 9.26 -27.17 -1.71
N GLU B 265 10.32 -26.82 -0.99
CA GLU B 265 11.45 -27.71 -0.83
C GLU B 265 11.68 -28.01 0.65
N GLY B 266 10.60 -28.30 1.37
CA GLY B 266 10.72 -28.61 2.80
C GLY B 266 9.92 -27.69 3.69
N GLN B 267 9.61 -26.49 3.22
CA GLN B 267 8.79 -25.58 4.01
C GLN B 267 7.44 -26.22 4.35
N TYR B 268 6.96 -25.96 5.56
CA TYR B 268 5.70 -26.52 6.05
C TYR B 268 5.70 -28.05 6.07
N GLY B 269 6.88 -28.66 5.96
CA GLY B 269 6.99 -30.10 5.96
C GLY B 269 6.61 -30.79 4.66
N HIS B 270 6.63 -30.05 3.55
CA HIS B 270 6.27 -30.63 2.25
C HIS B 270 7.36 -30.44 1.18
N LYS B 271 7.30 -31.29 0.14
CA LYS B 271 8.22 -31.20 -0.99
C LYS B 271 7.69 -31.88 -2.27
N ASP B 272 8.30 -31.52 -3.39
CA ASP B 272 7.93 -32.00 -4.72
C ASP B 272 6.51 -31.61 -5.07
N ILE B 273 6.12 -30.40 -4.67
CA ILE B 273 4.78 -29.93 -4.92
C ILE B 273 4.69 -28.40 -4.81
N PHE B 274 3.73 -27.81 -5.50
CA PHE B 274 3.51 -26.36 -5.46
C PHE B 274 2.37 -26.04 -4.47
N ALA B 275 2.55 -24.97 -3.70
CA ALA B 275 1.58 -24.52 -2.72
C ALA B 275 1.67 -22.99 -2.53
N GLY B 276 0.54 -22.37 -2.20
CA GLY B 276 0.52 -20.93 -1.99
C GLY B 276 1.15 -20.50 -0.69
N THR B 277 2.03 -19.50 -0.75
CA THR B 277 2.67 -18.95 0.44
C THR B 277 3.25 -17.58 0.12
N PRO B 278 3.39 -16.74 1.13
CA PRO B 278 3.99 -15.42 0.93
C PRO B 278 5.35 -15.58 0.29
N LEU B 279 5.65 -14.74 -0.69
CA LEU B 279 6.97 -14.77 -1.32
C LEU B 279 7.31 -13.37 -1.83
N VAL B 280 8.55 -13.16 -2.24
CA VAL B 280 8.99 -11.86 -2.74
C VAL B 280 9.28 -11.90 -4.24
N ILE B 281 8.61 -11.03 -5.01
CA ILE B 281 8.85 -10.98 -6.45
C ILE B 281 9.66 -9.75 -6.86
N GLY B 282 10.84 -10.00 -7.41
CA GLY B 282 11.71 -8.93 -7.85
C GLY B 282 12.27 -9.21 -9.22
N GLY B 283 13.30 -8.45 -9.59
CA GLY B 283 13.92 -8.56 -10.89
C GLY B 283 14.53 -9.90 -11.21
N ASN B 284 14.87 -10.67 -10.18
CA ASN B 284 15.44 -11.99 -10.38
C ASN B 284 14.36 -13.05 -10.45
N GLY B 285 13.11 -12.65 -10.26
CA GLY B 285 12.01 -13.60 -10.16
C GLY B 285 11.66 -13.74 -8.68
N VAL B 286 11.49 -14.98 -8.22
CA VAL B 286 11.19 -15.22 -6.83
C VAL B 286 12.50 -15.05 -6.06
N GLU B 287 12.61 -13.94 -5.33
CA GLU B 287 13.83 -13.64 -4.59
C GLU B 287 13.92 -14.45 -3.30
N GLN B 288 12.78 -14.70 -2.67
CA GLN B 288 12.75 -15.46 -1.43
C GLN B 288 11.35 -16.01 -1.16
N VAL B 289 11.31 -17.20 -0.60
CA VAL B 289 10.06 -17.84 -0.21
C VAL B 289 9.94 -17.64 1.28
N ILE B 290 8.80 -17.12 1.72
CA ILE B 290 8.60 -16.88 3.14
C ILE B 290 7.74 -17.96 3.77
N GLU B 291 8.30 -18.70 4.72
CA GLU B 291 7.53 -19.75 5.38
C GLU B 291 6.87 -19.19 6.64
N LEU B 292 5.54 -19.15 6.66
CA LEU B 292 4.82 -18.68 7.84
C LEU B 292 5.03 -19.67 8.99
N GLN B 293 5.35 -19.15 10.17
CA GLN B 293 5.53 -20.00 11.36
C GLN B 293 4.17 -20.40 11.96
N LEU B 294 3.48 -21.32 11.27
CA LEU B 294 2.15 -21.78 11.64
C LEU B 294 2.09 -22.57 12.96
N ASN B 295 0.93 -22.47 13.63
CA ASN B 295 0.69 -23.24 14.84
C ASN B 295 0.08 -24.58 14.44
N ALA B 296 -0.13 -25.44 15.41
CA ALA B 296 -0.64 -26.79 15.12
C ALA B 296 -1.97 -26.80 14.36
N ASP B 297 -2.91 -25.92 14.74
CA ASP B 297 -4.22 -25.82 14.10
C ASP B 297 -4.07 -25.39 12.63
N GLU B 298 -3.24 -24.37 12.44
CA GLU B 298 -3.03 -23.81 11.10
C GLU B 298 -2.30 -24.80 10.17
N LYS B 299 -1.37 -25.57 10.72
CA LYS B 299 -0.62 -26.55 9.95
C LYS B 299 -1.56 -27.63 9.41
N LYS B 300 -2.49 -28.06 10.26
CA LYS B 300 -3.47 -29.08 9.91
C LYS B 300 -4.19 -28.69 8.61
N LYS B 301 -4.65 -27.45 8.57
CA LYS B 301 -5.39 -26.94 7.42
C LYS B 301 -4.49 -26.88 6.17
N PHE B 302 -3.25 -26.44 6.38
CA PHE B 302 -2.28 -26.35 5.30
C PHE B 302 -2.18 -27.74 4.64
N ASP B 303 -1.87 -28.74 5.46
CA ASP B 303 -1.75 -30.11 4.99
C ASP B 303 -2.97 -30.63 4.25
N GLU B 304 -4.17 -30.21 4.66
CA GLU B 304 -5.38 -30.63 3.97
C GLU B 304 -5.46 -30.00 2.57
N ALA B 305 -5.01 -28.77 2.43
CA ALA B 305 -5.05 -28.11 1.13
C ALA B 305 -4.05 -28.75 0.20
N VAL B 306 -2.85 -28.98 0.70
CA VAL B 306 -1.78 -29.64 -0.05
C VAL B 306 -2.19 -31.05 -0.48
N ALA B 307 -2.94 -31.74 0.37
CA ALA B 307 -3.41 -33.08 0.05
C ALA B 307 -4.39 -33.08 -1.14
N GLU B 308 -5.22 -32.06 -1.22
CA GLU B 308 -6.12 -31.93 -2.36
C GLU B 308 -5.31 -31.76 -3.64
N THR B 309 -4.27 -30.92 -3.58
CA THR B 309 -3.40 -30.75 -4.73
C THR B 309 -2.74 -32.08 -5.07
N SER B 310 -2.24 -32.76 -4.05
CA SER B 310 -1.60 -34.06 -4.21
C SER B 310 -2.53 -35.07 -4.87
N ARG B 311 -3.77 -35.10 -4.41
CA ARG B 311 -4.72 -36.05 -4.95
C ARG B 311 -4.93 -35.88 -6.45
N MET B 312 -5.14 -34.64 -6.88
CA MET B 312 -5.39 -34.35 -8.27
C MET B 312 -4.18 -34.59 -9.16
N LYS B 313 -2.99 -34.45 -8.58
CA LYS B 313 -1.76 -34.70 -9.30
C LYS B 313 -1.69 -36.16 -9.76
N ALA B 314 -2.14 -37.07 -8.91
CA ALA B 314 -2.15 -38.49 -9.25
C ALA B 314 -3.09 -38.80 -10.41
N LEU B 315 -4.14 -37.99 -10.59
CA LEU B 315 -5.06 -38.22 -11.70
C LEU B 315 -4.34 -37.85 -13.00
N ILE B 316 -3.03 -37.70 -12.81
CA ILE B 316 -1.96 -37.48 -13.79
C ILE B 316 -2.01 -36.23 -14.63
#